data_9FXF
#
_entry.id   9FXF
#
_cell.length_a   88.022
_cell.length_b   34.951
_cell.length_c   46.269
_cell.angle_alpha   90.00
_cell.angle_beta   108.93
_cell.angle_gamma   90.00
#
_symmetry.space_group_name_H-M   'C 1 2 1'
#
loop_
_entity.id
_entity.type
_entity.pdbx_description
1 polymer VHH
2 non-polymer 'PHOSPHATE ION'
3 non-polymer '12-HYDROXYDODECANOIC ACID'
4 water water
#
_entity_poly.entity_id   1
_entity_poly.type   'polypeptide(L)'
_entity_poly.pdbx_seq_one_letter_code
;DVQLQESGGGLVQPGGSLRLSCATSGFTLDDYTIGWVRQAPGKEHEGVSCFSPSDGTTYYADSVKGRFTFSRDNAKNTVY
LQMNSLKPEDTAVYYCAASFADGSSWCYDYWGQGTQVTVSSHHHHHHHH
;
_entity_poly.pdbx_strand_id   A
#
# COMPACT_ATOMS: atom_id res chain seq x y z
N ASP A 1 10.56 -4.08 -17.03
CA ASP A 1 9.60 -4.89 -16.25
C ASP A 1 9.03 -4.08 -15.16
N VAL A 2 7.90 -4.49 -14.60
CA VAL A 2 7.33 -3.78 -13.47
C VAL A 2 8.23 -3.79 -12.27
N GLN A 3 8.49 -2.59 -11.71
CA GLN A 3 9.27 -2.46 -10.50
C GLN A 3 8.60 -1.48 -9.58
N LEU A 4 8.69 -1.75 -8.27
CA LEU A 4 8.01 -0.93 -7.25
C LEU A 4 8.96 -0.67 -6.14
N GLN A 5 8.89 0.51 -5.51
CA GLN A 5 9.77 0.81 -4.38
C GLN A 5 9.02 1.59 -3.35
N GLU A 6 8.92 1.06 -2.16
CA GLU A 6 8.21 1.72 -1.04
C GLU A 6 9.15 2.57 -0.27
N SER A 7 8.63 3.56 0.38
CA SER A 7 9.38 4.36 1.35
C SER A 7 8.41 4.94 2.35
N GLY A 8 8.96 5.39 3.48
CA GLY A 8 8.23 6.15 4.48
C GLY A 8 8.02 5.46 5.81
N GLY A 9 8.46 4.22 5.94
CA GLY A 9 8.28 3.48 7.18
C GLY A 9 9.09 4.05 8.34
N GLY A 10 8.82 3.58 9.53
CA GLY A 10 9.50 4.04 10.74
C GLY A 10 8.71 3.70 11.95
N LEU A 11 9.12 4.29 13.06
CA LEU A 11 8.49 4.09 14.39
C LEU A 11 7.55 5.27 14.66
N VAL A 12 6.30 4.97 14.92
N VAL A 12 6.27 4.95 14.91
CA VAL A 12 5.28 5.99 15.09
CA VAL A 12 5.18 5.90 15.08
C VAL A 12 4.48 5.74 16.34
C VAL A 12 4.52 5.72 16.41
N GLN A 13 4.07 6.81 17.00
CA GLN A 13 3.39 6.78 18.23
C GLN A 13 2.01 6.17 18.12
N PRO A 14 1.49 5.62 19.22
CA PRO A 14 0.15 5.07 19.16
C PRO A 14 -0.86 6.16 18.79
N GLY A 15 -1.77 5.80 17.93
CA GLY A 15 -2.73 6.74 17.40
C GLY A 15 -2.17 7.74 16.42
N GLY A 16 -0.90 7.58 16.03
CA GLY A 16 -0.30 8.51 15.09
C GLY A 16 -0.61 8.32 13.60
N SER A 17 0.09 9.07 12.78
CA SER A 17 -0.10 9.07 11.32
CA SER A 17 -0.11 9.00 11.33
C SER A 17 1.22 8.86 10.59
N LEU A 18 1.16 8.32 9.36
CA LEU A 18 2.34 8.14 8.55
C LEU A 18 1.89 8.04 7.10
N ARG A 19 2.65 8.55 6.15
N ARG A 19 2.63 8.58 6.16
CA ARG A 19 2.29 8.45 4.74
CA ARG A 19 2.31 8.43 4.75
C ARG A 19 3.36 7.71 3.92
C ARG A 19 3.39 7.61 4.14
N LEU A 20 2.99 6.53 3.47
CA LEU A 20 3.91 5.71 2.69
C LEU A 20 3.82 6.08 1.23
N SER A 21 4.95 5.98 0.52
CA SER A 21 5.01 6.24 -0.92
C SER A 21 5.46 5.03 -1.64
N CYS A 22 4.97 4.83 -2.84
CA CYS A 22 5.42 3.75 -3.71
C CYS A 22 5.76 4.36 -5.08
N ALA A 23 7.03 4.39 -5.38
CA ALA A 23 7.49 4.83 -6.69
C ALA A 23 7.49 3.65 -7.63
N THR A 24 7.23 3.87 -8.92
CA THR A 24 7.12 2.77 -9.89
C THR A 24 8.01 2.96 -11.07
N SER A 25 8.28 1.87 -11.75
CA SER A 25 9.06 1.95 -13.00
C SER A 25 8.56 0.86 -13.93
N GLY A 26 8.54 1.16 -15.22
CA GLY A 26 8.25 0.18 -16.23
C GLY A 26 6.85 0.12 -16.77
N PHE A 27 5.95 0.97 -16.29
CA PHE A 27 4.55 0.90 -16.74
C PHE A 27 3.76 2.17 -16.46
N THR A 28 2.61 2.35 -17.13
CA THR A 28 1.71 3.47 -16.78
C THR A 28 0.70 2.94 -15.78
N LEU A 29 0.32 3.74 -14.81
CA LEU A 29 -0.54 3.27 -13.73
C LEU A 29 -1.84 2.75 -14.18
N ASP A 30 -2.46 3.40 -15.17
CA ASP A 30 -3.78 2.97 -15.61
C ASP A 30 -3.87 1.57 -16.25
N ASP A 31 -2.73 0.94 -16.52
CA ASP A 31 -2.76 -0.41 -17.05
C ASP A 31 -2.83 -1.48 -15.94
N TYR A 32 -2.70 -1.06 -14.70
CA TYR A 32 -2.56 -1.98 -13.59
C TYR A 32 -3.44 -1.72 -12.38
N THR A 33 -3.85 -2.81 -11.72
CA THR A 33 -4.34 -2.66 -10.36
C THR A 33 -3.11 -2.40 -9.48
N ILE A 34 -3.27 -1.55 -8.44
CA ILE A 34 -2.13 -1.24 -7.59
C ILE A 34 -2.67 -0.95 -6.21
N GLY A 35 -1.83 -1.24 -5.21
CA GLY A 35 -2.25 -1.05 -3.83
C GLY A 35 -1.21 -1.51 -2.89
N TRP A 36 -1.69 -1.88 -1.69
CA TRP A 36 -0.79 -2.15 -0.56
C TRP A 36 -1.20 -3.43 0.11
N VAL A 37 -0.22 -4.20 0.50
CA VAL A 37 -0.37 -5.46 1.24
C VAL A 37 0.60 -5.43 2.41
N ARG A 38 0.23 -5.95 3.55
CA ARG A 38 1.12 -5.95 4.70
C ARG A 38 1.36 -7.32 5.22
N GLN A 39 2.50 -7.51 5.85
CA GLN A 39 2.81 -8.79 6.49
C GLN A 39 3.59 -8.58 7.75
N ALA A 40 3.08 -9.10 8.82
CA ALA A 40 3.78 -9.12 10.10
C ALA A 40 4.32 -10.53 10.32
N PRO A 41 5.55 -10.69 10.83
CA PRO A 41 6.02 -12.05 11.12
C PRO A 41 5.08 -12.81 12.06
N GLY A 42 4.78 -14.04 11.66
CA GLY A 42 3.84 -14.88 12.40
C GLY A 42 2.46 -14.92 11.82
N LYS A 43 2.17 -14.05 10.81
CA LYS A 43 0.82 -13.98 10.26
C LYS A 43 0.91 -13.97 8.76
N GLU A 44 -0.13 -14.52 8.14
CA GLU A 44 -0.14 -14.49 6.70
C GLU A 44 -0.32 -13.04 6.25
N HIS A 45 0.07 -12.76 5.02
CA HIS A 45 -0.07 -11.39 4.51
C HIS A 45 -1.56 -10.97 4.40
N GLU A 46 -1.79 -9.68 4.51
CA GLU A 46 -3.12 -9.12 4.49
C GLU A 46 -3.20 -7.97 3.49
N GLY A 47 -4.12 -8.06 2.54
CA GLY A 47 -4.34 -6.92 1.64
C GLY A 47 -4.82 -5.73 2.44
N VAL A 48 -4.34 -4.55 2.11
CA VAL A 48 -4.71 -3.31 2.76
C VAL A 48 -5.60 -2.45 1.85
N SER A 49 -5.15 -2.22 0.62
CA SER A 49 -5.97 -1.51 -0.37
C SER A 49 -5.64 -2.07 -1.74
N CYS A 50 -6.63 -1.97 -2.63
CA CYS A 50 -6.37 -2.31 -4.03
C CYS A 50 -7.23 -1.41 -4.89
N PHE A 51 -6.63 -0.81 -5.90
CA PHE A 51 -7.32 0.10 -6.81
C PHE A 51 -7.47 -0.51 -8.18
N SER A 52 -8.67 -0.43 -8.74
CA SER A 52 -8.89 -0.93 -10.09
C SER A 52 -9.16 0.20 -11.09
N PRO A 53 -8.38 0.29 -12.15
CA PRO A 53 -8.60 1.37 -13.14
C PRO A 53 -9.81 1.07 -14.03
N SER A 54 -10.46 -0.10 -13.90
CA SER A 54 -11.63 -0.40 -14.74
C SER A 54 -12.76 0.45 -14.36
N ASP A 55 -12.93 0.76 -13.08
CA ASP A 55 -13.96 1.70 -12.68
C ASP A 55 -13.52 2.71 -11.62
N GLY A 56 -12.24 2.72 -11.28
CA GLY A 56 -11.69 3.68 -10.33
C GLY A 56 -12.00 3.41 -8.88
N THR A 57 -12.43 2.18 -8.53
CA THR A 57 -12.73 1.81 -7.16
C THR A 57 -11.48 1.46 -6.37
N THR A 58 -11.42 1.89 -5.11
CA THR A 58 -10.44 1.37 -4.19
C THR A 58 -11.13 0.48 -3.17
N TYR A 59 -10.61 -0.72 -2.96
CA TYR A 59 -11.09 -1.68 -1.99
C TYR A 59 -10.16 -1.59 -0.78
N TYR A 60 -10.72 -1.61 0.42
CA TYR A 60 -9.92 -1.57 1.63
C TYR A 60 -10.26 -2.73 2.53
N ALA A 61 -9.26 -3.24 3.25
CA ALA A 61 -9.52 -4.24 4.28
C ALA A 61 -10.43 -3.62 5.34
N ASP A 62 -11.36 -4.42 5.86
CA ASP A 62 -12.26 -3.94 6.90
C ASP A 62 -11.52 -3.37 8.12
N SER A 63 -10.36 -3.97 8.46
CA SER A 63 -9.51 -3.58 9.59
C SER A 63 -8.99 -2.15 9.44
N VAL A 64 -8.91 -1.58 8.20
CA VAL A 64 -8.29 -0.27 8.01
C VAL A 64 -9.23 0.78 7.45
N LYS A 65 -10.46 0.36 7.07
CA LYS A 65 -11.45 1.29 6.53
C LYS A 65 -11.69 2.46 7.42
N GLY A 66 -11.62 3.64 6.83
CA GLY A 66 -11.82 4.85 7.59
C GLY A 66 -10.57 5.41 8.25
N ARG A 67 -9.51 4.59 8.37
CA ARG A 67 -8.25 5.06 8.94
C ARG A 67 -7.20 5.25 7.89
N PHE A 68 -7.19 4.36 6.87
CA PHE A 68 -6.15 4.42 5.84
C PHE A 68 -6.76 4.86 4.54
N THR A 69 -6.07 5.70 3.81
CA THR A 69 -6.55 6.17 2.50
C THR A 69 -5.50 6.06 1.41
N PHE A 70 -5.87 5.53 0.28
CA PHE A 70 -5.01 5.38 -0.88
C PHE A 70 -5.16 6.55 -1.81
N SER A 71 -4.08 6.97 -2.44
CA SER A 71 -4.16 7.99 -3.49
C SER A 71 -3.08 7.70 -4.51
N ARG A 72 -3.26 8.29 -5.68
CA ARG A 72 -2.28 8.18 -6.77
C ARG A 72 -1.92 9.55 -7.22
N ASP A 73 -0.70 9.67 -7.76
CA ASP A 73 -0.25 10.80 -8.55
C ASP A 73 0.02 10.17 -9.89
N ASN A 74 -0.96 10.20 -10.75
CA ASN A 74 -0.87 9.54 -12.04
C ASN A 74 0.29 10.08 -12.91
N ALA A 75 0.53 11.38 -12.90
CA ALA A 75 1.60 11.95 -13.73
C ALA A 75 2.98 11.51 -13.27
N LYS A 76 3.18 11.41 -11.95
CA LYS A 76 4.45 10.98 -11.36
C LYS A 76 4.58 9.48 -11.20
N ASN A 77 3.51 8.78 -11.56
CA ASN A 77 3.41 7.32 -11.49
C ASN A 77 3.70 6.83 -10.08
N THR A 78 3.35 7.58 -9.04
N THR A 78 3.28 7.55 -9.07
CA THR A 78 3.62 7.26 -7.62
CA THR A 78 3.50 7.18 -7.69
C THR A 78 2.32 7.15 -6.90
C THR A 78 2.17 6.97 -7.06
N VAL A 79 2.17 6.14 -6.02
CA VAL A 79 0.98 5.95 -5.23
C VAL A 79 1.34 6.02 -3.74
N TYR A 80 0.30 6.30 -2.95
CA TYR A 80 0.48 6.54 -1.52
C TYR A 80 -0.52 5.84 -0.63
N LEU A 81 -0.06 5.57 0.59
CA LEU A 81 -0.93 5.09 1.63
C LEU A 81 -0.88 6.04 2.81
N GLN A 82 -1.96 6.78 3.03
CA GLN A 82 -2.05 7.72 4.16
C GLN A 82 -2.64 6.95 5.33
N MET A 83 -1.85 6.74 6.37
CA MET A 83 -2.30 5.99 7.52
C MET A 83 -2.63 7.04 8.60
N ASN A 84 -3.74 6.87 9.27
CA ASN A 84 -4.13 7.72 10.39
C ASN A 84 -4.63 6.80 11.51
N SER A 85 -4.67 7.30 12.75
CA SER A 85 -5.13 6.50 13.89
C SER A 85 -4.48 5.14 13.95
N LEU A 86 -3.14 5.21 13.84
CA LEU A 86 -2.36 3.97 13.87
C LEU A 86 -2.52 3.22 15.17
N LYS A 87 -2.50 1.93 15.12
CA LYS A 87 -2.63 1.07 16.28
C LYS A 87 -1.47 0.12 16.31
N PRO A 88 -1.09 -0.41 17.49
CA PRO A 88 -0.02 -1.42 17.53
C PRO A 88 -0.22 -2.60 16.56
N GLU A 89 -1.46 -3.02 16.36
CA GLU A 89 -1.79 -4.11 15.44
C GLU A 89 -1.55 -3.78 13.97
N ASP A 90 -1.32 -2.53 13.65
CA ASP A 90 -0.93 -2.12 12.31
C ASP A 90 0.54 -2.37 12.03
N THR A 91 1.35 -2.75 13.06
CA THR A 91 2.76 -2.99 12.84
C THR A 91 2.95 -4.11 11.81
N ALA A 92 3.75 -3.87 10.80
CA ALA A 92 3.99 -4.86 9.73
C ALA A 92 4.96 -4.27 8.72
N VAL A 93 5.48 -5.11 7.83
CA VAL A 93 6.11 -4.64 6.62
C VAL A 93 4.98 -4.35 5.60
N TYR A 94 5.02 -3.15 5.03
CA TYR A 94 4.04 -2.72 4.04
C TYR A 94 4.68 -2.77 2.64
N TYR A 95 4.00 -3.47 1.74
CA TYR A 95 4.44 -3.63 0.36
C TYR A 95 3.46 -2.90 -0.54
N CYS A 96 3.97 -2.25 -1.57
N CYS A 96 3.99 -2.30 -1.55
CA CYS A 96 3.05 -1.89 -2.65
CA CYS A 96 3.25 -1.85 -2.71
C CYS A 96 3.13 -3.00 -3.73
C CYS A 96 3.13 -3.12 -3.61
N ALA A 97 1.97 -3.30 -4.24
CA ALA A 97 1.75 -4.46 -5.07
C ALA A 97 0.90 -4.12 -6.24
N ALA A 98 1.12 -4.82 -7.35
CA ALA A 98 0.42 -4.50 -8.60
C ALA A 98 0.20 -5.74 -9.46
N SER A 99 -0.85 -5.69 -10.27
CA SER A 99 -1.08 -6.72 -11.30
C SER A 99 -1.57 -6.03 -12.52
N PHE A 100 -1.22 -6.60 -13.70
CA PHE A 100 -1.77 -6.11 -14.95
C PHE A 100 -3.30 -6.18 -14.90
N ALA A 101 -3.95 -5.15 -15.34
CA ALA A 101 -5.40 -5.03 -15.18
C ALA A 101 -6.23 -5.81 -16.19
N ASP A 102 -6.15 -7.13 -16.07
CA ASP A 102 -6.86 -8.04 -16.98
C ASP A 102 -7.92 -8.86 -16.26
N GLY A 103 -8.26 -8.56 -15.04
CA GLY A 103 -9.35 -9.26 -14.33
C GLY A 103 -8.96 -10.55 -13.69
N SER A 104 -7.72 -11.04 -13.90
CA SER A 104 -7.35 -12.39 -13.38
C SER A 104 -6.71 -12.40 -12.02
N SER A 105 -6.12 -11.29 -11.62
CA SER A 105 -5.50 -11.12 -10.30
C SER A 105 -5.49 -9.64 -10.05
N TRP A 106 -5.26 -9.25 -8.82
CA TRP A 106 -5.35 -7.85 -8.44
C TRP A 106 -4.40 -7.57 -7.33
N CYS A 107 -3.48 -6.63 -7.53
CA CYS A 107 -2.49 -6.27 -6.48
C CYS A 107 -1.73 -7.48 -5.98
N TYR A 108 -1.31 -8.32 -6.92
CA TYR A 108 -0.78 -9.64 -6.59
C TYR A 108 0.55 -10.00 -7.23
N ASP A 109 0.72 -9.66 -8.49
CA ASP A 109 1.86 -10.20 -9.24
C ASP A 109 3.24 -9.65 -9.01
N TYR A 110 3.32 -8.38 -8.61
CA TYR A 110 4.58 -7.70 -8.39
C TYR A 110 4.50 -6.96 -7.07
N TRP A 111 5.63 -6.86 -6.38
CA TRP A 111 5.69 -6.11 -5.14
C TRP A 111 7.06 -5.57 -4.95
N GLY A 112 7.16 -4.57 -4.10
CA GLY A 112 8.45 -3.99 -3.81
C GLY A 112 9.18 -4.71 -2.68
N GLN A 113 10.21 -4.08 -2.19
CA GLN A 113 11.05 -4.62 -1.11
C GLN A 113 10.41 -4.52 0.26
N GLY A 114 9.46 -3.62 0.39
CA GLY A 114 8.72 -3.39 1.63
C GLY A 114 9.31 -2.29 2.47
N THR A 115 8.50 -1.71 3.33
CA THR A 115 8.92 -0.70 4.32
C THR A 115 8.30 -1.08 5.67
N GLN A 116 9.08 -1.09 6.73
CA GLN A 116 8.59 -1.43 8.06
C GLN A 116 7.86 -0.30 8.68
N VAL A 117 6.67 -0.58 9.21
CA VAL A 117 5.93 0.39 10.04
C VAL A 117 5.80 -0.26 11.40
N THR A 118 6.25 0.46 12.43
CA THR A 118 6.16 -0.02 13.82
C THR A 118 5.42 0.97 14.64
N VAL A 119 4.33 0.56 15.23
CA VAL A 119 3.51 1.47 16.06
C VAL A 119 3.75 1.11 17.50
N SER A 120 4.09 2.08 18.36
N SER A 120 4.38 2.06 18.22
CA SER A 120 4.31 1.73 19.78
CA SER A 120 4.77 1.90 19.62
C SER A 120 3.02 1.40 20.52
C SER A 120 3.50 1.70 20.45
#